data_9MEE
#
_entry.id   9MEE
#
_entity_poly.entity_id   1
_entity_poly.type   'polyribonucleotide'
_entity_poly.pdbx_seq_one_letter_code
;GGAUGGCCGCCUAUGGUCGUCAAAUAAACUACGAAAGUAGGAUAAAGUGGAAUAGUAAGGUUUAGCUAUUCUGCGGUUUC
AUCUUGUAAAGAUGGAGCUUGAGUAGGCAAGUGAGAUAUCAAUUUUUCUUAGUAUGUGAGGGUAACACUUUAGCAGAGGA
GAAAAGUUGACUGGGUCUUUGCAGAGAUUCAGUUGAGUUCGGAAGAGCAAUAAGAAUAACUCAUAGAAUUCAAUGCGAGA
GGUAGGGAACUAAUCCCUCCCUAUAAUCGCGGUAUUCAAUAUGAUAGUUUACUUAACAUCAAAUUGGGGAAACCCUUUAA
GAUAAGAUAGUGUACGGGUGGUGCCGUUAUUAUCCUUUGAUAGAGUGUACCAGCACCUAUCGAUGAAGUAAACUUGGAAU
AUGGUGGUAGGGAUACCACAUCGGGUAGUUAAGUAUUCUGUCGUUCAAAAGGCGGCGGAGCUUGUGAUAGACCGCUACCU
GAAACCACUGCAAAACCAAACUUAUAUUUGCAUUUAGGAUUGCAAAAUCAUAAAAAUCAAAAUAAGAAAAAGUGUCUAUC
AGUUUUGACCGAAAGGUGUCUACAUAGUAAUGAGUUGUUCAUUGCCACAAACACUCUCAAGGUGAAUGUGAUUCUUUCGA
AAGGUUUCUAACACCGCAAGUGUGAAUCUGCUCGGCAGGGUAGAAGAAAAUAAGUAAGAAGAGAGUAGGUUAAAACUCAA
AGAGUGGUUCACUUAAAUAACCGACAUUGGUUGUUACAUCUCAAAAGGAUGUGGAAACAAAGGGAAUAGAUAAUCCUUUU
AAAGACAACUACAAUAUGGUGUAUUCUCAGCCU
;
_entity_poly.pdbx_strand_id   A,B,C,D,E,F,G,H,I,J,K,L,M,N
#
loop_
_chem_comp.id
_chem_comp.type
_chem_comp.name
_chem_comp.formula
A RNA linking ADENOSINE-5'-MONOPHOSPHATE 'C10 H14 N5 O7 P'
C RNA linking CYTIDINE-5'-MONOPHOSPHATE 'C9 H14 N3 O8 P'
G RNA linking GUANOSINE-5'-MONOPHOSPHATE 'C10 H14 N5 O8 P'
U RNA linking URIDINE-5'-MONOPHOSPHATE 'C9 H13 N2 O9 P'
#